data_7UD7
#
_entry.id   7UD7
#
_cell.length_a   62.344
_cell.length_b   82.031
_cell.length_c   53.454
_cell.angle_alpha   90.000
_cell.angle_beta   99.490
_cell.angle_gamma   90.000
#
_symmetry.space_group_name_H-M   'P 1 21 1'
#
loop_
_entity.id
_entity.type
_entity.pdbx_description
1 polymer 'Hemoglobin subunit alpha'
2 polymer 'Hemoglobin subunit beta'
3 non-polymer 'PROTOPORPHYRIN IX CONTAINING FE'
4 non-polymer dihydroxy[(5-methylfuran-2-yl)methoxy]amine
5 water water
#
loop_
_entity_poly.entity_id
_entity_poly.type
_entity_poly.pdbx_seq_one_letter_code
_entity_poly.pdbx_strand_id
1 'polypeptide(L)'
;MVLSPADKTNVKAAWGKVGAHAGEYGAEALERMFLSFPTTKTYFPHFDLSHGSAQVKGHGKKVADALTNAVAHVDDMPNA
LSALSDLHAHKLRVDPVNFKLLSHCLLVTLAAHLPAEFTPAVHASLDKFLASVSTVLTSKYR
;
A,C
2 'polypeptide(L)'
;MVHLTPEEKSAVTALWGKVNVDEVGGEALGRLLVVYPWTQRFFESFGDLSTPDAVMGNPKVKAHGKKVLGAFSDGLAHLD
NLKGTFATLSELHCDKLHVDPENFRLLGNVLVCVLAHHFGKEFTPPVQAAYQKVVAGVANALAHKYH
;
B,D
#
# COMPACT_ATOMS: atom_id res chain seq x y z
N VAL A 2 -1.08 16.64 -7.48
CA VAL A 2 -0.33 17.69 -8.17
C VAL A 2 0.29 18.62 -7.14
N LEU A 3 1.44 19.17 -7.49
CA LEU A 3 2.13 20.10 -6.60
C LEU A 3 1.61 21.50 -6.85
N SER A 4 1.02 22.11 -5.84
CA SER A 4 0.53 23.46 -5.95
C SER A 4 1.72 24.43 -5.98
N PRO A 5 1.50 25.69 -6.37
CA PRO A 5 2.59 26.66 -6.27
C PRO A 5 3.10 26.81 -4.85
N ALA A 6 2.21 26.73 -3.85
CA ALA A 6 2.66 26.80 -2.47
C ALA A 6 3.50 25.58 -2.10
N ASP A 7 3.14 24.39 -2.61
CA ASP A 7 3.98 23.21 -2.43
C ASP A 7 5.38 23.46 -2.98
N LYS A 8 5.44 23.99 -4.20
CA LYS A 8 6.74 24.21 -4.83
C LYS A 8 7.58 25.19 -4.02
N THR A 9 6.97 26.26 -3.52
CA THR A 9 7.70 27.22 -2.69
C THR A 9 8.22 26.56 -1.42
N ASN A 10 7.36 25.77 -0.76
CA ASN A 10 7.75 25.10 0.49
C ASN A 10 8.90 24.13 0.26
N VAL A 11 8.84 23.37 -0.84
CA VAL A 11 9.86 22.35 -1.09
C VAL A 11 11.19 23.01 -1.43
N LYS A 12 11.17 24.06 -2.25
CA LYS A 12 12.42 24.73 -2.61
C LYS A 12 13.10 25.31 -1.38
N ALA A 13 12.31 25.92 -0.49
CA ALA A 13 12.89 26.50 0.72
C ALA A 13 13.45 25.43 1.64
N ALA A 14 12.65 24.40 1.94
CA ALA A 14 13.10 23.35 2.85
C ALA A 14 14.30 22.60 2.27
N TRP A 15 14.22 22.23 0.99
CA TRP A 15 15.32 21.45 0.40
C TRP A 15 16.54 22.32 0.15
N GLY A 16 16.35 23.62 -0.07
CA GLY A 16 17.49 24.51 -0.18
C GLY A 16 18.33 24.52 1.08
N LYS A 17 17.71 24.27 2.23
CA LYS A 17 18.42 24.22 3.50
C LYS A 17 19.26 22.97 3.64
N VAL A 18 18.92 21.90 2.94
CA VAL A 18 19.77 20.71 2.92
C VAL A 18 21.14 21.08 2.39
N GLY A 19 21.19 21.72 1.23
CA GLY A 19 22.42 22.16 0.60
C GLY A 19 23.51 21.12 0.56
N ALA A 20 24.65 21.45 1.19
CA ALA A 20 25.82 20.57 1.21
C ALA A 20 25.60 19.30 2.02
N HIS A 21 24.51 19.20 2.77
CA HIS A 21 24.23 18.00 3.54
C HIS A 21 23.52 16.92 2.71
N ALA A 22 23.38 17.13 1.40
CA ALA A 22 22.68 16.20 0.52
C ALA A 22 23.13 14.75 0.74
N GLY A 23 24.41 14.48 0.46
CA GLY A 23 24.93 13.13 0.64
C GLY A 23 24.69 12.59 2.03
N GLU A 24 24.93 13.42 3.06
CA GLU A 24 24.74 12.97 4.43
C GLU A 24 23.30 12.57 4.69
N TYR A 25 22.35 13.40 4.26
CA TYR A 25 20.95 13.13 4.57
C TYR A 25 20.42 11.98 3.72
N GLY A 26 20.88 11.88 2.48
CA GLY A 26 20.55 10.72 1.67
C GLY A 26 21.01 9.43 2.29
N ALA A 27 22.27 9.38 2.76
CA ALA A 27 22.78 8.17 3.39
C ALA A 27 22.01 7.85 4.67
N GLU A 28 21.68 8.87 5.46
CA GLU A 28 20.95 8.63 6.70
C GLU A 28 19.55 8.11 6.41
N ALA A 29 18.88 8.68 5.40
CA ALA A 29 17.57 8.18 5.00
C ALA A 29 17.63 6.70 4.62
N LEU A 30 18.65 6.32 3.84
CA LEU A 30 18.79 4.92 3.43
C LEU A 30 19.01 4.02 4.64
N GLU A 31 19.91 4.43 5.55
CA GLU A 31 20.14 3.63 6.75
C GLU A 31 18.87 3.48 7.58
N ARG A 32 18.10 4.57 7.74
CA ARG A 32 16.83 4.49 8.44
C ARG A 32 15.90 3.48 7.77
N MET A 33 15.88 3.49 6.44
CA MET A 33 15.02 2.56 5.70
C MET A 33 15.47 1.12 5.90
N PHE A 34 16.78 0.86 5.77
CA PHE A 34 17.27 -0.50 5.92
C PHE A 34 16.96 -1.07 7.30
N LEU A 35 17.04 -0.23 8.34
CA LEU A 35 16.81 -0.70 9.70
C LEU A 35 15.32 -0.79 10.02
N SER A 36 14.54 0.20 9.59
CA SER A 36 13.10 0.21 9.88
C SER A 36 12.34 -0.77 9.02
N PHE A 37 12.79 -0.99 7.79
CA PHE A 37 12.06 -1.76 6.78
C PHE A 37 13.05 -2.73 6.15
N PRO A 38 13.39 -3.81 6.83
CA PRO A 38 14.49 -4.67 6.36
C PRO A 38 14.21 -5.34 5.02
N THR A 39 12.95 -5.46 4.59
CA THR A 39 12.71 -6.04 3.27
C THR A 39 13.33 -5.19 2.17
N THR A 40 13.55 -3.90 2.40
CA THR A 40 14.18 -3.08 1.38
C THR A 40 15.62 -3.51 1.12
N LYS A 41 16.25 -4.21 2.06
CA LYS A 41 17.60 -4.70 1.86
C LYS A 41 17.68 -5.73 0.74
N THR A 42 16.55 -6.33 0.34
CA THR A 42 16.59 -7.31 -0.75
C THR A 42 17.04 -6.70 -2.05
N TYR A 43 16.99 -5.37 -2.19
CA TYR A 43 17.47 -4.71 -3.39
C TYR A 43 18.95 -4.34 -3.31
N PHE A 44 19.60 -4.53 -2.15
CA PHE A 44 21.01 -4.18 -1.99
C PHE A 44 21.84 -5.34 -1.43
N PRO A 45 21.64 -6.56 -1.93
CA PRO A 45 22.46 -7.67 -1.41
C PRO A 45 23.92 -7.54 -1.79
N HIS A 46 24.23 -6.63 -2.70
CA HIS A 46 25.58 -6.40 -3.22
C HIS A 46 26.28 -5.24 -2.53
N PHE A 47 25.66 -4.63 -1.53
CA PHE A 47 26.24 -3.51 -0.79
C PHE A 47 26.75 -3.99 0.56
N ASP A 48 27.85 -3.41 1.00
CA ASP A 48 28.10 -3.35 2.43
C ASP A 48 27.11 -2.38 3.01
N LEU A 49 26.18 -2.88 3.81
CA LEU A 49 25.13 -2.07 4.41
C LEU A 49 25.51 -1.56 5.80
N SER A 50 26.68 -1.92 6.30
CA SER A 50 27.09 -1.47 7.63
C SER A 50 27.13 0.06 7.71
N HIS A 51 26.99 0.56 8.93
CA HIS A 51 26.94 1.99 9.15
C HIS A 51 28.22 2.66 8.64
N GLY A 52 28.06 3.75 7.89
CA GLY A 52 29.17 4.51 7.37
C GLY A 52 29.80 3.97 6.10
N SER A 53 29.21 2.94 5.50
CA SER A 53 29.83 2.32 4.33
C SER A 53 29.92 3.32 3.18
N ALA A 54 31.01 3.22 2.42
CA ALA A 54 31.20 4.09 1.27
C ALA A 54 30.08 3.90 0.25
N GLN A 55 29.59 2.67 0.10
CA GLN A 55 28.55 2.39 -0.89
C GLN A 55 27.25 3.11 -0.53
N VAL A 56 26.87 3.06 0.74
CA VAL A 56 25.65 3.75 1.16
C VAL A 56 25.83 5.26 1.09
N LYS A 57 27.01 5.75 1.47
CA LYS A 57 27.27 7.18 1.37
C LYS A 57 27.21 7.64 -0.08
N GLY A 58 27.80 6.88 -0.99
CA GLY A 58 27.78 7.27 -2.39
C GLY A 58 26.39 7.19 -2.98
N HIS A 59 25.64 6.14 -2.65
CA HIS A 59 24.27 6.03 -3.14
C HIS A 59 23.39 7.11 -2.52
N GLY A 60 23.58 7.38 -1.23
CA GLY A 60 22.85 8.47 -0.59
C GLY A 60 23.03 9.78 -1.33
N LYS A 61 24.25 10.05 -1.79
CA LYS A 61 24.51 11.29 -2.52
C LYS A 61 23.81 11.29 -3.87
N LYS A 62 23.79 10.14 -4.57
CA LYS A 62 23.13 10.12 -5.87
C LYS A 62 21.62 10.33 -5.72
N VAL A 63 21.01 9.69 -4.73
CA VAL A 63 19.59 9.90 -4.44
C VAL A 63 19.34 11.38 -4.15
N ALA A 64 20.16 11.98 -3.29
CA ALA A 64 19.93 13.35 -2.87
C ALA A 64 20.11 14.32 -4.03
N ASP A 65 21.12 14.09 -4.87
CA ASP A 65 21.32 14.96 -6.02
C ASP A 65 20.20 14.81 -7.04
N ALA A 66 19.62 13.61 -7.15
CA ALA A 66 18.45 13.45 -8.00
C ALA A 66 17.28 14.26 -7.47
N LEU A 67 17.10 14.27 -6.14
CA LEU A 67 16.05 15.08 -5.55
C LEU A 67 16.32 16.58 -5.76
N THR A 68 17.59 16.99 -5.70
CA THR A 68 17.90 18.38 -5.97
C THR A 68 17.56 18.74 -7.40
N ASN A 69 17.87 17.86 -8.34
CA ASN A 69 17.47 18.04 -9.73
C ASN A 69 15.96 18.18 -9.85
N ALA A 70 15.21 17.31 -9.16
CA ALA A 70 13.76 17.39 -9.24
C ALA A 70 13.24 18.71 -8.67
N VAL A 71 13.77 19.13 -7.51
CA VAL A 71 13.33 20.40 -6.93
C VAL A 71 13.65 21.55 -7.88
N ALA A 72 14.83 21.52 -8.51
CA ALA A 72 15.23 22.57 -9.43
C ALA A 72 14.41 22.58 -10.70
N HIS A 73 13.69 21.51 -10.97
CA HIS A 73 12.86 21.37 -12.17
C HIS A 73 11.47 20.89 -11.80
N VAL A 74 10.90 21.45 -10.73
CA VAL A 74 9.60 20.99 -10.23
C VAL A 74 8.51 21.09 -11.30
N ASP A 75 8.65 22.02 -12.24
CA ASP A 75 7.62 22.21 -13.26
C ASP A 75 7.62 21.13 -14.34
N ASP A 76 8.70 20.36 -14.48
CA ASP A 76 8.76 19.31 -15.50
C ASP A 76 9.66 18.17 -14.98
N MET A 77 9.24 17.56 -13.89
CA MET A 77 9.99 16.43 -13.35
C MET A 77 10.02 15.21 -14.27
N PRO A 78 8.96 14.87 -15.02
CA PRO A 78 9.09 13.72 -15.95
C PRO A 78 10.27 13.84 -16.89
N ASN A 79 10.52 15.03 -17.45
CA ASN A 79 11.67 15.17 -18.34
C ASN A 79 12.98 15.21 -17.57
N ALA A 80 12.99 15.86 -16.41
CA ALA A 80 14.22 15.98 -15.64
C ALA A 80 14.69 14.62 -15.12
N LEU A 81 13.76 13.72 -14.81
CA LEU A 81 14.06 12.40 -14.26
C LEU A 81 13.93 11.29 -15.29
N SER A 82 13.91 11.64 -16.59
CA SER A 82 13.60 10.67 -17.62
C SER A 82 14.55 9.47 -17.61
N ALA A 83 15.87 9.74 -17.55
CA ALA A 83 16.81 8.62 -17.51
C ALA A 83 16.63 7.79 -16.25
N LEU A 84 16.29 8.44 -15.14
CA LEU A 84 16.18 7.74 -13.87
C LEU A 84 14.93 6.88 -13.83
N SER A 85 13.85 7.35 -14.45
CA SER A 85 12.64 6.53 -14.54
C SER A 85 12.85 5.35 -15.49
N ASP A 86 13.60 5.54 -16.58
CA ASP A 86 14.00 4.41 -17.41
C ASP A 86 14.76 3.37 -16.60
N LEU A 87 15.71 3.83 -15.78
CA LEU A 87 16.61 2.92 -15.07
C LEU A 87 15.83 2.07 -14.07
N HIS A 88 14.94 2.70 -13.30
CA HIS A 88 14.19 1.92 -12.32
C HIS A 88 13.15 1.02 -13.00
N ALA A 89 12.53 1.50 -14.09
CA ALA A 89 11.52 0.70 -14.78
C ALA A 89 12.11 -0.53 -15.47
N HIS A 90 13.26 -0.37 -16.13
CA HIS A 90 13.75 -1.38 -17.06
C HIS A 90 14.88 -2.24 -16.51
N LYS A 91 15.62 -1.74 -15.51
CA LYS A 91 16.78 -2.45 -14.99
C LYS A 91 16.61 -2.77 -13.51
N LEU A 92 16.54 -1.78 -12.63
CA LEU A 92 16.48 -2.05 -11.21
C LEU A 92 15.18 -2.77 -10.83
N ARG A 93 14.05 -2.29 -11.36
CA ARG A 93 12.76 -2.95 -11.21
C ARG A 93 12.39 -3.14 -9.73
N VAL A 94 12.61 -2.08 -8.95
CA VAL A 94 12.24 -2.05 -7.54
C VAL A 94 10.72 -2.00 -7.42
N ASP A 95 10.15 -2.86 -6.58
CA ASP A 95 8.70 -2.86 -6.50
C ASP A 95 8.21 -1.50 -6.02
N PRO A 96 7.15 -0.96 -6.63
CA PRO A 96 6.71 0.39 -6.29
C PRO A 96 6.40 0.60 -4.81
N VAL A 97 6.10 -0.45 -4.04
CA VAL A 97 5.72 -0.20 -2.64
C VAL A 97 6.89 0.40 -1.86
N ASN A 98 8.12 0.13 -2.27
CA ASN A 98 9.27 0.57 -1.50
C ASN A 98 9.52 2.07 -1.63
N PHE A 99 8.98 2.72 -2.66
CA PHE A 99 9.18 4.16 -2.79
C PHE A 99 8.50 4.90 -1.64
N LYS A 100 7.38 4.38 -1.14
CA LYS A 100 6.76 4.99 0.03
C LYS A 100 7.62 4.84 1.28
N LEU A 101 8.34 3.72 1.38
CA LEU A 101 9.19 3.48 2.54
C LEU A 101 10.39 4.43 2.56
N LEU A 102 11.07 4.58 1.41
CA LEU A 102 12.18 5.54 1.36
C LEU A 102 11.68 6.97 1.53
N SER A 103 10.52 7.30 0.95
CA SER A 103 9.98 8.65 1.11
C SER A 103 9.71 8.97 2.58
N HIS A 104 9.10 8.03 3.30
CA HIS A 104 8.88 8.22 4.74
C HIS A 104 10.19 8.44 5.47
N CYS A 105 11.22 7.68 5.12
CA CYS A 105 12.50 7.81 5.81
C CYS A 105 13.23 9.10 5.43
N LEU A 106 13.03 9.60 4.20
CA LEU A 106 13.54 10.93 3.88
C LEU A 106 12.84 12.00 4.71
N LEU A 107 11.51 11.87 4.88
CA LEU A 107 10.78 12.84 5.69
C LEU A 107 11.25 12.84 7.13
N VAL A 108 11.48 11.66 7.70
CA VAL A 108 11.96 11.57 9.08
C VAL A 108 13.34 12.20 9.20
N THR A 109 14.19 11.98 8.20
CA THR A 109 15.53 12.55 8.21
C THR A 109 15.46 14.08 8.19
N LEU A 110 14.60 14.63 7.32
CA LEU A 110 14.44 16.08 7.25
C LEU A 110 13.86 16.63 8.55
N ALA A 111 12.88 15.93 9.13
CA ALA A 111 12.34 16.37 10.40
C ALA A 111 13.41 16.42 11.49
N ALA A 112 14.29 15.41 11.50
CA ALA A 112 15.32 15.33 12.53
C ALA A 112 16.44 16.34 12.34
N HIS A 113 16.61 16.88 11.12
CA HIS A 113 17.69 17.82 10.85
C HIS A 113 17.24 19.27 10.62
N LEU A 114 15.99 19.50 10.24
CA LEU A 114 15.49 20.83 9.92
C LEU A 114 14.36 21.21 10.87
N PRO A 115 14.64 21.33 12.17
CA PRO A 115 13.55 21.67 13.12
C PRO A 115 12.82 22.95 12.80
N ALA A 116 13.53 23.99 12.36
CA ALA A 116 12.86 25.26 12.11
C ALA A 116 11.97 25.19 10.88
N GLU A 117 12.35 24.38 9.91
CA GLU A 117 11.69 24.38 8.61
CA GLU A 117 11.70 24.36 8.60
C GLU A 117 10.53 23.39 8.50
N PHE A 118 10.49 22.35 9.34
CA PHE A 118 9.53 21.25 9.21
C PHE A 118 8.19 21.59 9.87
N THR A 119 7.53 22.63 9.33
CA THR A 119 6.21 23.01 9.81
C THR A 119 5.17 22.01 9.31
N PRO A 120 3.95 22.04 9.87
CA PRO A 120 2.90 21.17 9.31
C PRO A 120 2.64 21.38 7.83
N ALA A 121 2.58 22.63 7.37
CA ALA A 121 2.35 22.85 5.95
C ALA A 121 3.53 22.38 5.11
N VAL A 122 4.76 22.54 5.61
CA VAL A 122 5.92 22.12 4.85
C VAL A 122 6.02 20.60 4.87
N HIS A 123 5.70 19.99 6.00
CA HIS A 123 5.56 18.53 6.10
C HIS A 123 4.65 17.99 4.99
N ALA A 124 3.46 18.58 4.86
CA ALA A 124 2.51 18.14 3.83
C ALA A 124 3.12 18.30 2.43
N SER A 125 3.75 19.45 2.18
CA SER A 125 4.30 19.71 0.85
C SER A 125 5.42 18.75 0.51
N LEU A 126 6.32 18.49 1.48
CA LEU A 126 7.39 17.54 1.25
C LEU A 126 6.86 16.14 0.99
N ASP A 127 5.82 15.74 1.74
CA ASP A 127 5.22 14.43 1.52
C ASP A 127 4.63 14.32 0.11
N LYS A 128 3.90 15.34 -0.33
CA LYS A 128 3.39 15.36 -1.71
C LYS A 128 4.53 15.33 -2.71
N PHE A 129 5.61 16.06 -2.43
CA PHE A 129 6.70 16.13 -3.41
C PHE A 129 7.37 14.77 -3.57
N LEU A 130 7.68 14.10 -2.45
CA LEU A 130 8.31 12.78 -2.56
C LEU A 130 7.38 11.76 -3.20
N ALA A 131 6.07 11.87 -2.94
CA ALA A 131 5.13 11.01 -3.63
C ALA A 131 5.12 11.30 -5.13
N SER A 132 5.27 12.57 -5.51
CA SER A 132 5.28 12.92 -6.93
C SER A 132 6.55 12.42 -7.60
N VAL A 133 7.70 12.53 -6.91
CA VAL A 133 8.94 11.95 -7.43
C VAL A 133 8.78 10.45 -7.63
N SER A 134 8.20 9.78 -6.64
CA SER A 134 8.02 8.33 -6.72
C SER A 134 7.10 7.95 -7.88
N THR A 135 6.05 8.75 -8.10
CA THR A 135 5.18 8.51 -9.25
C THR A 135 5.94 8.62 -10.56
N VAL A 136 6.76 9.66 -10.69
CA VAL A 136 7.58 9.80 -11.89
C VAL A 136 8.52 8.62 -12.05
N LEU A 137 9.17 8.20 -10.96
CA LEU A 137 10.14 7.12 -11.06
C LEU A 137 9.50 5.76 -11.35
N THR A 138 8.20 5.59 -11.10
CA THR A 138 7.53 4.34 -11.42
C THR A 138 6.64 4.44 -12.65
N SER A 139 6.68 5.58 -13.36
CA SER A 139 5.69 5.83 -14.40
C SER A 139 5.87 4.96 -15.64
N LYS A 140 7.05 4.37 -15.84
CA LYS A 140 7.31 3.55 -17.03
C LYS A 140 7.41 2.06 -16.72
N TYR A 141 6.99 1.65 -15.51
CA TYR A 141 7.15 0.26 -15.10
C TYR A 141 6.37 -0.72 -15.99
N ARG A 142 5.26 -0.28 -16.57
CA ARG A 142 4.44 -1.15 -17.41
C ARG A 142 3.49 -0.32 -18.26
N VAL B 2 8.88 -11.55 16.00
CA VAL B 2 8.06 -10.57 15.31
C VAL B 2 8.10 -9.24 16.10
N HIS B 3 8.91 -9.25 17.15
CA HIS B 3 8.73 -8.35 18.29
C HIS B 3 9.94 -7.43 18.47
N LEU B 4 9.86 -6.64 19.55
CA LEU B 4 10.97 -5.82 19.98
C LEU B 4 11.99 -6.65 20.74
N THR B 5 13.27 -6.37 20.52
CA THR B 5 14.32 -6.92 21.36
C THR B 5 14.29 -6.24 22.72
N PRO B 6 14.95 -6.82 23.73
CA PRO B 6 15.05 -6.12 25.02
C PRO B 6 15.62 -4.73 24.91
N GLU B 7 16.68 -4.54 24.11
CA GLU B 7 17.28 -3.21 24.01
C GLU B 7 16.34 -2.23 23.30
N GLU B 8 15.53 -2.72 22.35
CA GLU B 8 14.57 -1.85 21.68
C GLU B 8 13.45 -1.43 22.63
N LYS B 9 12.99 -2.34 23.49
CA LYS B 9 12.01 -1.95 24.50
C LYS B 9 12.58 -0.90 25.44
N SER B 10 13.83 -1.08 25.89
CA SER B 10 14.47 -0.09 26.73
C SER B 10 14.55 1.26 26.03
N ALA B 11 14.89 1.24 24.73
CA ALA B 11 15.05 2.49 23.99
C ALA B 11 13.72 3.21 23.85
N VAL B 12 12.65 2.47 23.54
CA VAL B 12 11.31 3.07 23.47
C VAL B 12 10.93 3.72 24.79
N THR B 13 11.05 2.94 25.87
CA THR B 13 10.70 3.43 27.21
C THR B 13 11.51 4.66 27.58
N ALA B 14 12.80 4.65 27.30
CA ALA B 14 13.65 5.77 27.69
C ALA B 14 13.24 7.05 26.97
N LEU B 15 13.05 6.98 25.64
CA LEU B 15 12.63 8.17 24.91
C LEU B 15 11.26 8.64 25.38
N TRP B 16 10.34 7.71 25.61
CA TRP B 16 8.97 8.12 25.92
C TRP B 16 8.90 8.83 27.27
N GLY B 17 9.82 8.53 28.19
CA GLY B 17 9.87 9.23 29.45
C GLY B 17 10.17 10.70 29.32
N LYS B 18 10.58 11.15 28.13
CA LYS B 18 10.83 12.57 27.86
C LYS B 18 9.69 13.26 27.13
N VAL B 19 8.60 12.54 26.84
CA VAL B 19 7.52 13.05 26.00
C VAL B 19 6.46 13.73 26.85
N ASN B 20 6.10 14.96 26.48
CA ASN B 20 4.88 15.60 26.97
C ASN B 20 3.75 15.04 26.13
N VAL B 21 2.96 14.12 26.72
CA VAL B 21 1.99 13.38 25.93
C VAL B 21 0.89 14.29 25.39
N ASP B 22 0.39 15.23 26.20
CA ASP B 22 -0.63 16.16 25.68
C ASP B 22 -0.10 16.96 24.50
N GLU B 23 1.13 17.46 24.61
CA GLU B 23 1.70 18.30 23.58
C GLU B 23 1.97 17.50 22.30
N VAL B 24 2.62 16.35 22.45
CA VAL B 24 2.91 15.52 21.29
C VAL B 24 1.63 14.98 20.68
N GLY B 25 0.61 14.69 21.51
CA GLY B 25 -0.65 14.18 20.97
C GLY B 25 -1.40 15.21 20.15
N GLY B 26 -1.53 16.43 20.66
CA GLY B 26 -2.12 17.50 19.86
C GLY B 26 -1.35 17.77 18.58
N GLU B 27 -0.02 17.72 18.64
CA GLU B 27 0.81 17.93 17.46
C GLU B 27 0.60 16.81 16.44
N ALA B 28 0.59 15.55 16.91
CA ALA B 28 0.47 14.44 15.98
C ALA B 28 -0.91 14.40 15.34
N LEU B 29 -1.97 14.63 16.12
CA LEU B 29 -3.31 14.63 15.52
C LEU B 29 -3.50 15.83 14.61
N GLY B 30 -3.03 17.00 15.03
CA GLY B 30 -3.07 18.15 14.15
C GLY B 30 -2.37 17.88 12.83
N ARG B 31 -1.14 17.39 12.89
CA ARG B 31 -0.40 17.10 11.67
C ARG B 31 -1.09 16.04 10.83
N LEU B 32 -1.73 15.06 11.47
CA LEU B 32 -2.48 14.06 10.70
C LEU B 32 -3.57 14.71 9.86
N LEU B 33 -4.32 15.63 10.47
CA LEU B 33 -5.39 16.31 9.74
C LEU B 33 -4.86 17.28 8.69
N VAL B 34 -3.63 17.76 8.83
CA VAL B 34 -3.07 18.68 7.84
C VAL B 34 -2.45 17.92 6.67
N VAL B 35 -1.62 16.93 6.97
CA VAL B 35 -0.88 16.21 5.95
C VAL B 35 -1.77 15.23 5.19
N TYR B 36 -2.73 14.60 5.88
CA TYR B 36 -3.68 13.65 5.30
C TYR B 36 -5.10 14.16 5.54
N PRO B 37 -5.51 15.22 4.85
CA PRO B 37 -6.73 15.94 5.27
C PRO B 37 -8.00 15.13 5.15
N TRP B 38 -7.99 14.00 4.44
CA TRP B 38 -9.20 13.20 4.42
C TRP B 38 -9.52 12.63 5.79
N THR B 39 -8.54 12.59 6.70
CA THR B 39 -8.77 12.14 8.07
C THR B 39 -9.67 13.10 8.84
N GLN B 40 -9.93 14.29 8.31
CA GLN B 40 -10.85 15.23 8.93
C GLN B 40 -12.29 14.75 8.90
N ARG B 41 -12.60 13.69 8.14
CA ARG B 41 -13.97 13.26 7.96
C ARG B 41 -14.66 12.90 9.28
N PHE B 42 -13.89 12.57 10.32
CA PHE B 42 -14.44 12.20 11.61
C PHE B 42 -14.68 13.40 12.51
N PHE B 43 -14.25 14.60 12.11
CA PHE B 43 -14.15 15.73 13.03
C PHE B 43 -14.88 16.96 12.53
N GLU B 44 -15.95 16.78 11.76
CA GLU B 44 -16.75 17.92 11.33
C GLU B 44 -17.33 18.69 12.53
N SER B 45 -17.49 18.06 13.68
CA SER B 45 -18.02 18.75 14.85
C SER B 45 -16.96 19.57 15.60
N PHE B 46 -15.70 19.51 15.16
CA PHE B 46 -14.60 20.11 15.90
C PHE B 46 -14.38 21.58 15.56
N GLY B 47 -15.16 22.13 14.63
CA GLY B 47 -15.05 23.54 14.32
C GLY B 47 -14.09 23.87 13.20
N ASP B 48 -13.29 24.92 13.40
CA ASP B 48 -12.45 25.48 12.33
C ASP B 48 -11.29 24.55 12.02
N LEU B 49 -11.31 23.98 10.80
CA LEU B 49 -10.19 23.21 10.24
C LEU B 49 -9.79 23.76 8.88
N SER B 50 -9.89 25.08 8.69
CA SER B 50 -9.84 25.65 7.34
C SER B 50 -8.41 25.87 6.85
N THR B 51 -7.46 26.06 7.75
CA THR B 51 -6.06 26.29 7.44
C THR B 51 -5.21 25.40 8.33
N PRO B 52 -3.94 25.17 7.97
CA PRO B 52 -3.05 24.45 8.89
C PRO B 52 -2.95 25.07 10.27
N ASP B 53 -2.79 26.40 10.37
CA ASP B 53 -2.77 27.05 11.68
C ASP B 53 -4.07 26.82 12.43
N ALA B 54 -5.21 26.83 11.72
CA ALA B 54 -6.48 26.63 12.41
C ALA B 54 -6.59 25.21 12.97
N VAL B 55 -6.17 24.22 12.19
CA VAL B 55 -6.18 22.84 12.66
C VAL B 55 -5.27 22.69 13.88
N MET B 56 -4.03 23.18 13.76
CA MET B 56 -3.06 22.98 14.84
C MET B 56 -3.50 23.70 16.11
N GLY B 57 -4.14 24.85 15.97
CA GLY B 57 -4.59 25.64 17.09
C GLY B 57 -5.95 25.27 17.64
N ASN B 58 -6.65 24.35 16.99
CA ASN B 58 -8.02 24.01 17.35
C ASN B 58 -8.03 23.28 18.69
N PRO B 59 -8.72 23.79 19.71
CA PRO B 59 -8.67 23.11 21.02
C PRO B 59 -9.36 21.76 21.05
N LYS B 60 -10.36 21.52 20.19
CA LYS B 60 -10.97 20.20 20.12
C LYS B 60 -10.06 19.18 19.43
N VAL B 61 -9.30 19.61 18.44
CA VAL B 61 -8.25 18.76 17.87
C VAL B 61 -7.22 18.40 18.94
N LYS B 62 -6.72 19.41 19.64
CA LYS B 62 -5.76 19.15 20.71
C LYS B 62 -6.33 18.24 21.78
N ALA B 63 -7.60 18.44 22.14
CA ALA B 63 -8.22 17.60 23.17
C ALA B 63 -8.28 16.15 22.72
N HIS B 64 -8.68 15.91 21.48
CA HIS B 64 -8.72 14.53 21.01
C HIS B 64 -7.31 13.94 20.89
N GLY B 65 -6.33 14.76 20.51
CA GLY B 65 -4.96 14.28 20.47
C GLY B 65 -4.46 13.83 21.83
N LYS B 66 -4.81 14.57 22.88
CA LYS B 66 -4.45 14.15 24.23
C LYS B 66 -5.07 12.81 24.58
N LYS B 67 -6.32 12.59 24.17
CA LYS B 67 -7.02 11.37 24.52
C LYS B 67 -6.44 10.18 23.77
N VAL B 68 -6.17 10.35 22.47
CA VAL B 68 -5.64 9.27 21.64
C VAL B 68 -4.22 8.91 22.09
N LEU B 69 -3.35 9.90 22.23
CA LEU B 69 -1.97 9.57 22.60
C LEU B 69 -1.86 9.17 24.07
N GLY B 70 -2.79 9.63 24.91
CA GLY B 70 -2.86 9.10 26.28
C GLY B 70 -3.06 7.60 26.31
N ALA B 71 -3.96 7.10 25.47
CA ALA B 71 -4.19 5.66 25.40
C ALA B 71 -3.03 4.95 24.72
N PHE B 72 -2.43 5.60 23.71
CA PHE B 72 -1.19 5.08 23.14
C PHE B 72 -0.13 4.94 24.22
N SER B 73 0.09 6.01 24.98
CA SER B 73 1.12 6.02 26.01
C SER B 73 0.89 4.91 27.03
N ASP B 74 -0.36 4.76 27.49
CA ASP B 74 -0.67 3.69 28.43
C ASP B 74 -0.36 2.32 27.83
N GLY B 75 -0.61 2.14 26.54
CA GLY B 75 -0.33 0.86 25.89
C GLY B 75 1.13 0.48 25.84
N LEU B 76 2.04 1.44 26.00
CA LEU B 76 3.46 1.15 25.98
C LEU B 76 3.91 0.37 27.21
N ALA B 77 3.06 0.25 28.22
CA ALA B 77 3.33 -0.59 29.37
C ALA B 77 2.98 -2.05 29.10
N HIS B 78 2.43 -2.36 27.92
CA HIS B 78 1.91 -3.69 27.59
C HIS B 78 2.38 -4.09 26.22
N LEU B 79 3.67 -3.88 25.95
CA LEU B 79 4.22 -4.15 24.62
C LEU B 79 4.16 -5.62 24.26
N ASP B 80 3.99 -6.52 25.23
CA ASP B 80 3.85 -7.94 24.97
C ASP B 80 2.39 -8.40 24.96
N ASN B 81 1.45 -7.47 24.97
CA ASN B 81 0.04 -7.81 24.90
C ASN B 81 -0.72 -6.65 24.27
N LEU B 82 -0.27 -6.21 23.09
CA LEU B 82 -0.94 -5.08 22.46
C LEU B 82 -2.35 -5.45 21.99
N LYS B 83 -2.52 -6.64 21.39
CA LYS B 83 -3.84 -7.05 20.93
C LYS B 83 -4.82 -7.11 22.10
N GLY B 84 -4.43 -7.72 23.21
CA GLY B 84 -5.30 -7.76 24.36
C GLY B 84 -5.56 -6.38 24.94
N THR B 85 -4.53 -5.55 25.01
CA THR B 85 -4.67 -4.22 25.62
C THR B 85 -5.63 -3.34 24.83
N PHE B 86 -5.62 -3.46 23.49
CA PHE B 86 -6.41 -2.61 22.63
C PHE B 86 -7.65 -3.28 22.06
N ALA B 87 -7.98 -4.49 22.55
CA ALA B 87 -9.12 -5.23 21.98
C ALA B 87 -10.43 -4.45 22.09
N THR B 88 -10.76 -3.95 23.28
CA THR B 88 -12.06 -3.29 23.39
C THR B 88 -12.09 -1.97 22.62
N LEU B 89 -10.95 -1.25 22.55
CA LEU B 89 -10.91 -0.07 21.68
C LEU B 89 -11.00 -0.46 20.21
N SER B 90 -10.46 -1.63 19.85
CA SER B 90 -10.60 -2.11 18.48
C SER B 90 -12.06 -2.30 18.12
N GLU B 91 -12.81 -3.05 18.94
CA GLU B 91 -14.23 -3.24 18.68
C GLU B 91 -14.96 -1.91 18.59
N LEU B 92 -14.59 -0.95 19.45
CA LEU B 92 -15.28 0.34 19.45
C LEU B 92 -15.01 1.10 18.16
N HIS B 93 -13.74 1.13 17.72
CA HIS B 93 -13.42 1.88 16.52
C HIS B 93 -14.05 1.24 15.28
N CYS B 94 -14.27 -0.08 15.29
CA CYS B 94 -14.95 -0.75 14.18
C CYS B 94 -16.47 -0.58 14.28
N ASP B 95 -17.06 -1.00 15.39
CA ASP B 95 -18.51 -1.14 15.48
C ASP B 95 -19.23 0.18 15.59
N LYS B 96 -18.65 1.17 16.27
CA LYS B 96 -19.35 2.42 16.55
C LYS B 96 -18.75 3.61 15.84
N LEU B 97 -17.41 3.70 15.77
CA LEU B 97 -16.76 4.86 15.19
C LEU B 97 -16.50 4.74 13.69
N HIS B 98 -16.44 3.51 13.15
CA HIS B 98 -16.26 3.29 11.71
C HIS B 98 -14.96 3.92 11.20
N VAL B 99 -13.88 3.74 11.95
CA VAL B 99 -12.58 4.30 11.59
C VAL B 99 -11.80 3.24 10.80
N ASP B 100 -11.61 3.49 9.51
CA ASP B 100 -10.72 2.68 8.68
C ASP B 100 -9.36 2.53 9.36
N PRO B 101 -8.89 1.31 9.60
CA PRO B 101 -7.60 1.14 10.31
C PRO B 101 -6.41 1.76 9.60
N GLU B 102 -6.53 2.11 8.32
CA GLU B 102 -5.43 2.82 7.68
C GLU B 102 -5.15 4.15 8.39
N ASN B 103 -6.17 4.76 9.00
CA ASN B 103 -5.97 5.96 9.80
C ASN B 103 -4.96 5.72 10.91
N PHE B 104 -4.99 4.53 11.53
CA PHE B 104 -4.03 4.21 12.59
C PHE B 104 -2.61 4.18 12.05
N ARG B 105 -2.44 3.69 10.83
CA ARG B 105 -1.10 3.61 10.27
C ARG B 105 -0.60 4.98 9.86
N LEU B 106 -1.48 5.82 9.32
CA LEU B 106 -1.11 7.20 9.02
C LEU B 106 -0.72 7.95 10.28
N LEU B 107 -1.49 7.76 11.36
CA LEU B 107 -1.15 8.44 12.60
C LEU B 107 0.19 7.95 13.13
N GLY B 108 0.47 6.65 12.99
CA GLY B 108 1.75 6.13 13.43
C GLY B 108 2.90 6.76 12.66
N ASN B 109 2.72 6.96 11.36
CA ASN B 109 3.75 7.60 10.56
C ASN B 109 3.94 9.05 10.96
N VAL B 110 2.83 9.77 11.18
CA VAL B 110 2.94 11.15 11.62
C VAL B 110 3.62 11.23 12.98
N LEU B 111 3.30 10.29 13.87
CA LEU B 111 3.92 10.30 15.19
C LEU B 111 5.42 10.12 15.10
N VAL B 112 5.88 9.20 14.24
CA VAL B 112 7.32 9.01 14.07
C VAL B 112 7.96 10.30 13.58
N CYS B 113 7.33 10.98 12.60
CA CYS B 113 7.84 12.26 12.12
C CYS B 113 7.89 13.30 13.23
N VAL B 114 6.86 13.32 14.09
CA VAL B 114 6.83 14.28 15.20
C VAL B 114 7.93 13.97 16.21
N LEU B 115 8.12 12.69 16.51
CA LEU B 115 9.23 12.34 17.41
C LEU B 115 10.56 12.74 16.82
N ALA B 116 10.75 12.50 15.52
CA ALA B 116 11.99 12.94 14.87
C ALA B 116 12.15 14.46 14.96
N HIS B 117 11.08 15.20 14.70
CA HIS B 117 11.13 16.66 14.80
C HIS B 117 11.42 17.10 16.23
N HIS B 118 10.74 16.48 17.20
CA HIS B 118 10.88 16.88 18.59
C HIS B 118 12.26 16.54 19.14
N PHE B 119 12.78 15.35 18.85
CA PHE B 119 14.00 14.87 19.50
C PHE B 119 15.25 15.02 18.64
N GLY B 120 15.11 15.36 17.36
CA GLY B 120 16.28 15.59 16.53
C GLY B 120 17.20 14.38 16.52
N LYS B 121 18.49 14.64 16.70
CA LYS B 121 19.48 13.58 16.54
C LYS B 121 19.32 12.45 17.55
N GLU B 122 18.68 12.70 18.70
CA GLU B 122 18.41 11.61 19.63
C GLU B 122 17.49 10.54 19.03
N PHE B 123 16.70 10.90 18.02
CA PHE B 123 15.83 9.94 17.31
C PHE B 123 16.65 9.25 16.22
N THR B 124 17.59 8.43 16.68
CA THR B 124 18.56 7.76 15.80
C THR B 124 17.86 6.73 14.92
N PRO B 125 18.53 6.25 13.87
CA PRO B 125 17.94 5.19 13.03
C PRO B 125 17.52 3.97 13.84
N PRO B 126 18.33 3.48 14.80
CA PRO B 126 17.84 2.33 15.60
C PRO B 126 16.65 2.66 16.47
N VAL B 127 16.59 3.86 17.04
CA VAL B 127 15.43 4.24 17.84
C VAL B 127 14.19 4.33 16.95
N GLN B 128 14.33 4.90 15.75
CA GLN B 128 13.21 4.91 14.81
C GLN B 128 12.73 3.50 14.52
N ALA B 129 13.66 2.58 14.23
CA ALA B 129 13.28 1.21 13.91
C ALA B 129 12.46 0.59 15.02
N ALA B 130 12.85 0.84 16.28
CA ALA B 130 12.07 0.40 17.43
C ALA B 130 10.68 1.01 17.41
N TYR B 131 10.58 2.33 17.21
CA TYR B 131 9.25 2.97 17.21
C TYR B 131 8.41 2.54 16.02
N GLN B 132 9.04 2.20 14.89
CA GLN B 132 8.25 1.69 13.77
C GLN B 132 7.58 0.37 14.14
N LYS B 133 8.30 -0.51 14.84
CA LYS B 133 7.67 -1.73 15.34
C LYS B 133 6.51 -1.41 16.27
N VAL B 134 6.68 -0.41 17.13
CA VAL B 134 5.63 -0.08 18.09
C VAL B 134 4.40 0.44 17.38
N VAL B 135 4.56 1.43 16.50
CA VAL B 135 3.36 2.00 15.88
C VAL B 135 2.69 0.98 14.96
N ALA B 136 3.47 0.12 14.29
CA ALA B 136 2.87 -0.94 13.51
C ALA B 136 2.10 -1.91 14.39
N GLY B 137 2.66 -2.24 15.57
CA GLY B 137 1.99 -3.15 16.48
C GLY B 137 0.71 -2.57 17.06
N VAL B 138 0.72 -1.28 17.42
CA VAL B 138 -0.49 -0.64 17.93
C VAL B 138 -1.57 -0.60 16.84
N ALA B 139 -1.18 -0.21 15.62
CA ALA B 139 -2.15 -0.19 14.52
C ALA B 139 -2.71 -1.57 14.25
N ASN B 140 -1.85 -2.60 14.22
CA ASN B 140 -2.34 -3.96 14.03
C ASN B 140 -3.27 -4.37 15.16
N ALA B 141 -2.94 -3.96 16.40
CA ALA B 141 -3.79 -4.31 17.53
C ALA B 141 -5.14 -3.61 17.44
N LEU B 142 -5.16 -2.34 17.09
CA LEU B 142 -6.43 -1.63 16.96
C LEU B 142 -7.25 -2.14 15.79
N ALA B 143 -6.62 -2.76 14.79
CA ALA B 143 -7.34 -3.29 13.64
C ALA B 143 -7.80 -4.73 13.83
N HIS B 144 -7.38 -5.39 14.91
CA HIS B 144 -7.47 -6.85 14.95
C HIS B 144 -8.90 -7.36 15.18
N LYS B 145 -9.77 -6.56 15.80
CA LYS B 145 -11.15 -6.99 16.04
C LYS B 145 -12.11 -6.47 14.98
N TYR B 146 -11.61 -5.85 13.91
CA TYR B 146 -12.49 -5.44 12.83
C TYR B 146 -13.10 -6.67 12.18
N HIS B 147 -14.31 -6.49 11.68
CA HIS B 147 -15.08 -7.59 11.11
C HIS B 147 -16.10 -6.99 10.17
N VAL C 2 0.73 5.31 -17.72
CA VAL C 2 0.02 5.74 -18.92
C VAL C 2 -0.58 4.53 -19.62
N LEU C 3 -1.79 4.70 -20.16
CA LEU C 3 -2.44 3.64 -20.95
C LEU C 3 -1.98 3.72 -22.39
N SER C 4 -1.41 2.62 -22.89
CA SER C 4 -0.99 2.50 -24.27
C SER C 4 -2.20 2.36 -25.20
N PRO C 5 -2.00 2.54 -26.51
CA PRO C 5 -3.08 2.21 -27.45
C PRO C 5 -3.59 0.79 -27.30
N ALA C 6 -2.68 -0.16 -27.05
CA ALA C 6 -3.13 -1.53 -26.85
C ALA C 6 -3.96 -1.64 -25.57
N ASP C 7 -3.55 -0.95 -24.50
CA ASP C 7 -4.35 -0.96 -23.26
C ASP C 7 -5.75 -0.42 -23.53
N LYS C 8 -5.84 0.73 -24.21
CA LYS C 8 -7.15 1.32 -24.46
C LYS C 8 -8.01 0.39 -25.29
N THR C 9 -7.40 -0.24 -26.30
CA THR C 9 -8.13 -1.20 -27.12
C THR C 9 -8.62 -2.37 -26.27
N ASN C 10 -7.77 -2.91 -25.39
CA ASN C 10 -8.16 -4.07 -24.57
C ASN C 10 -9.27 -3.70 -23.62
N VAL C 11 -9.16 -2.53 -22.99
CA VAL C 11 -10.19 -2.06 -22.06
C VAL C 11 -11.53 -1.90 -22.78
N LYS C 12 -11.52 -1.24 -23.93
CA LYS C 12 -12.78 -1.06 -24.66
C LYS C 12 -13.38 -2.40 -25.07
N ALA C 13 -12.55 -3.34 -25.52
CA ALA C 13 -13.06 -4.66 -25.88
C ALA C 13 -13.66 -5.36 -24.67
N ALA C 14 -12.94 -5.38 -23.55
CA ALA C 14 -13.44 -6.09 -22.37
C ALA C 14 -14.70 -5.43 -21.81
N TRP C 15 -14.70 -4.12 -21.67
CA TRP C 15 -15.87 -3.45 -21.10
C TRP C 15 -17.04 -3.49 -22.07
N GLY C 16 -16.75 -3.53 -23.37
CA GLY C 16 -17.81 -3.73 -24.34
C GLY C 16 -18.47 -5.09 -24.22
N LYS C 17 -17.69 -6.14 -23.94
CA LYS C 17 -18.30 -7.45 -23.75
C LYS C 17 -19.16 -7.48 -22.49
N VAL C 18 -18.69 -6.81 -21.44
CA VAL C 18 -19.51 -6.61 -20.24
C VAL C 18 -20.89 -6.10 -20.63
N GLY C 19 -20.92 -5.06 -21.47
CA GLY C 19 -22.18 -4.55 -22.00
C GLY C 19 -23.14 -4.15 -20.91
N ALA C 20 -24.38 -4.65 -21.02
CA ALA C 20 -25.45 -4.29 -20.10
C ALA C 20 -25.30 -4.90 -18.72
N HIS C 21 -24.33 -5.82 -18.53
CA HIS C 21 -24.12 -6.42 -17.22
C HIS C 21 -23.25 -5.56 -16.31
N ALA C 22 -22.80 -4.39 -16.79
CA ALA C 22 -21.83 -3.60 -16.02
C ALA C 22 -22.34 -3.32 -14.61
N GLY C 23 -23.59 -2.92 -14.48
CA GLY C 23 -24.12 -2.59 -13.15
C GLY C 23 -24.17 -3.79 -12.22
N GLU C 24 -24.57 -4.95 -12.75
CA GLU C 24 -24.55 -6.18 -11.95
C GLU C 24 -23.13 -6.51 -11.50
N TYR C 25 -22.16 -6.35 -12.40
CA TYR C 25 -20.77 -6.65 -12.07
C TYR C 25 -20.22 -5.65 -11.06
N GLY C 26 -20.63 -4.39 -11.15
CA GLY C 26 -20.23 -3.42 -10.13
C GLY C 26 -20.70 -3.82 -8.74
N ALA C 27 -21.96 -4.25 -8.62
CA ALA C 27 -22.48 -4.66 -7.32
C ALA C 27 -21.76 -5.91 -6.81
N GLU C 28 -21.47 -6.85 -7.71
CA GLU C 28 -20.72 -8.04 -7.33
C GLU C 28 -19.34 -7.66 -6.82
N ALA C 29 -18.67 -6.72 -7.50
CA ALA C 29 -17.33 -6.35 -7.05
C ALA C 29 -17.36 -5.73 -5.67
N LEU C 30 -18.36 -4.88 -5.40
CA LEU C 30 -18.52 -4.34 -4.05
C LEU C 30 -18.73 -5.46 -3.03
N GLU C 31 -19.61 -6.42 -3.35
CA GLU C 31 -19.83 -7.54 -2.42
C GLU C 31 -18.53 -8.29 -2.16
N ARG C 32 -17.77 -8.57 -3.22
CA ARG C 32 -16.48 -9.24 -3.06
C ARG C 32 -15.57 -8.43 -2.16
N MET C 33 -15.57 -7.11 -2.32
CA MET C 33 -14.71 -6.26 -1.52
C MET C 33 -15.08 -6.31 -0.05
N PHE C 34 -16.39 -6.19 0.26
CA PHE C 34 -16.84 -6.18 1.67
C PHE C 34 -16.52 -7.50 2.38
N LEU C 35 -16.60 -8.62 1.68
CA LEU C 35 -16.27 -9.91 2.29
C LEU C 35 -14.76 -10.13 2.40
N SER C 36 -14.02 -9.77 1.35
CA SER C 36 -12.57 -10.03 1.31
C SER C 36 -11.79 -9.06 2.19
N PHE C 37 -12.26 -7.81 2.24
CA PHE C 37 -11.55 -6.73 2.92
C PHE C 37 -12.54 -6.01 3.81
N PRO C 38 -12.85 -6.59 4.98
CA PRO C 38 -13.92 -6.03 5.82
C PRO C 38 -13.69 -4.59 6.28
N THR C 39 -12.46 -4.11 6.32
CA THR C 39 -12.25 -2.73 6.71
C THR C 39 -12.93 -1.77 5.73
N THR C 40 -13.16 -2.19 4.48
CA THR C 40 -13.83 -1.28 3.55
C THR C 40 -15.27 -1.02 3.96
N LYS C 41 -15.85 -1.88 4.80
CA LYS C 41 -17.21 -1.67 5.27
C LYS C 41 -17.34 -0.45 6.17
N THR C 42 -16.23 0.12 6.66
CA THR C 42 -16.32 1.29 7.54
C THR C 42 -16.88 2.51 6.81
N TYR C 43 -16.84 2.52 5.48
CA TYR C 43 -17.38 3.65 4.72
C TYR C 43 -18.87 3.53 4.47
N PHE C 44 -19.51 2.44 4.90
CA PHE C 44 -20.92 2.19 4.56
C PHE C 44 -21.74 1.82 5.80
N PRO C 45 -21.61 2.56 6.91
CA PRO C 45 -22.37 2.19 8.11
C PRO C 45 -23.86 2.35 7.91
N HIS C 46 -24.26 3.14 6.92
CA HIS C 46 -25.64 3.43 6.59
C HIS C 46 -26.24 2.45 5.61
N PHE C 47 -25.46 1.47 5.14
CA PHE C 47 -25.91 0.45 4.22
C PHE C 47 -26.18 -0.86 4.93
N ASP C 48 -27.24 -1.55 4.49
CA ASP C 48 -27.35 -2.99 4.67
C ASP C 48 -26.44 -3.63 3.65
N LEU C 49 -25.40 -4.33 4.11
CA LEU C 49 -24.39 -4.91 3.23
C LEU C 49 -24.62 -6.40 2.98
N SER C 50 -25.76 -6.95 3.40
CA SER C 50 -26.05 -8.35 3.15
CA SER C 50 -26.02 -8.35 3.15
C SER C 50 -26.08 -8.63 1.66
N HIS C 51 -25.84 -9.89 1.30
CA HIS C 51 -25.92 -10.31 -0.10
C HIS C 51 -27.27 -9.93 -0.69
N GLY C 52 -27.25 -9.37 -1.90
CA GLY C 52 -28.46 -8.96 -2.58
C GLY C 52 -29.00 -7.60 -2.19
N SER C 53 -28.35 -6.90 -1.25
CA SER C 53 -28.79 -5.59 -0.80
C SER C 53 -29.07 -4.65 -1.97
N ALA C 54 -30.25 -4.03 -1.96
CA ALA C 54 -30.55 -3.05 -2.99
C ALA C 54 -29.67 -1.81 -2.89
N GLN C 55 -29.17 -1.49 -1.70
CA GLN C 55 -28.27 -0.35 -1.60
C GLN C 55 -26.93 -0.65 -2.28
N VAL C 56 -26.41 -1.85 -2.09
CA VAL C 56 -25.18 -2.25 -2.79
C VAL C 56 -25.41 -2.32 -4.30
N LYS C 57 -26.57 -2.85 -4.71
CA LYS C 57 -26.88 -2.90 -6.14
C LYS C 57 -26.94 -1.52 -6.75
N GLY C 58 -27.57 -0.57 -6.06
CA GLY C 58 -27.69 0.77 -6.62
C GLY C 58 -26.35 1.48 -6.65
N HIS C 59 -25.55 1.29 -5.61
CA HIS C 59 -24.20 1.84 -5.63
C HIS C 59 -23.36 1.18 -6.72
N GLY C 60 -23.53 -0.14 -6.90
CA GLY C 60 -22.79 -0.83 -7.95
C GLY C 60 -23.09 -0.30 -9.34
N LYS C 61 -24.36 0.03 -9.60
CA LYS C 61 -24.72 0.62 -10.89
C LYS C 61 -24.01 1.94 -11.09
N LYS C 62 -23.94 2.77 -10.05
CA LYS C 62 -23.28 4.07 -10.18
C LYS C 62 -21.79 3.89 -10.44
N VAL C 63 -21.14 3.02 -9.67
CA VAL C 63 -19.72 2.73 -9.91
C VAL C 63 -19.51 2.25 -11.35
N ALA C 64 -20.35 1.32 -11.80
CA ALA C 64 -20.17 0.77 -13.14
C ALA C 64 -20.36 1.86 -14.21
N ASP C 65 -21.37 2.72 -14.04
CA ASP C 65 -21.60 3.79 -15.00
C ASP C 65 -20.43 4.77 -15.03
N ALA C 66 -19.82 5.03 -13.88
CA ALA C 66 -18.64 5.90 -13.87
C ALA C 66 -17.53 5.25 -14.68
N LEU C 67 -17.37 3.93 -14.56
CA LEU C 67 -16.33 3.24 -15.31
C LEU C 67 -16.65 3.23 -16.80
N THR C 68 -17.92 3.03 -17.17
CA THR C 68 -18.32 3.12 -18.57
C THR C 68 -17.98 4.50 -19.13
N ASN C 69 -18.30 5.55 -18.38
CA ASN C 69 -17.98 6.92 -18.79
C ASN C 69 -16.47 7.13 -18.89
N ALA C 70 -15.71 6.55 -17.95
CA ALA C 70 -14.25 6.60 -18.05
C ALA C 70 -13.76 5.93 -19.32
N VAL C 71 -14.31 4.74 -19.64
CA VAL C 71 -13.91 4.05 -20.87
C VAL C 71 -14.24 4.88 -22.09
N ALA C 72 -15.38 5.56 -22.06
CA ALA C 72 -15.81 6.39 -23.18
C ALA C 72 -14.97 7.64 -23.32
N HIS C 73 -14.22 8.01 -22.30
CA HIS C 73 -13.38 9.20 -22.29
C HIS C 73 -11.97 8.85 -21.88
N VAL C 74 -11.49 7.69 -22.35
CA VAL C 74 -10.26 7.12 -21.84
C VAL C 74 -9.05 8.03 -22.12
N ASP C 75 -9.15 8.91 -23.11
CA ASP C 75 -8.10 9.89 -23.38
C ASP C 75 -8.35 11.23 -22.66
N ASP C 76 -9.46 11.35 -21.95
CA ASP C 76 -9.83 12.58 -21.28
C ASP C 76 -10.43 12.27 -19.92
N MET C 77 -9.80 11.35 -19.20
CA MET C 77 -10.42 10.81 -17.99
C MET C 77 -10.46 11.78 -16.81
N PRO C 78 -9.42 12.60 -16.55
CA PRO C 78 -9.51 13.50 -15.40
C PRO C 78 -10.74 14.39 -15.41
N ASN C 79 -11.13 14.94 -16.58
CA ASN C 79 -12.33 15.78 -16.60
C ASN C 79 -13.60 14.95 -16.47
N ALA C 80 -13.66 13.81 -17.15
CA ALA C 80 -14.84 12.94 -17.05
C ALA C 80 -15.15 12.58 -15.62
N LEU C 81 -14.11 12.34 -14.81
CA LEU C 81 -14.26 11.89 -13.44
C LEU C 81 -14.12 13.03 -12.44
N SER C 82 -14.09 14.28 -12.90
CA SER C 82 -13.73 15.38 -12.01
C SER C 82 -14.71 15.51 -10.85
N ALA C 83 -16.02 15.40 -11.13
CA ALA C 83 -16.99 15.52 -10.06
C ALA C 83 -16.83 14.40 -9.04
N LEU C 84 -16.48 13.19 -9.52
CA LEU C 84 -16.22 12.10 -8.58
C LEU C 84 -14.93 12.31 -7.82
N SER C 85 -13.91 12.91 -8.44
CA SER C 85 -12.70 13.24 -7.70
C SER C 85 -12.99 14.24 -6.59
N ASP C 86 -13.81 15.25 -6.89
CA ASP C 86 -14.25 16.19 -5.86
C ASP C 86 -14.96 15.44 -4.73
N LEU C 87 -15.93 14.61 -5.10
CA LEU C 87 -16.77 13.95 -4.11
C LEU C 87 -15.94 13.06 -3.19
N HIS C 88 -15.05 12.26 -3.76
CA HIS C 88 -14.27 11.37 -2.90
C HIS C 88 -13.24 12.16 -2.09
N ALA C 89 -12.64 13.22 -2.64
CA ALA C 89 -11.60 13.94 -1.92
C ALA C 89 -12.14 14.72 -0.74
N HIS C 90 -13.33 15.31 -0.87
CA HIS C 90 -13.75 16.35 0.05
C HIS C 90 -15.00 16.02 0.83
N LYS C 91 -15.76 14.99 0.44
CA LYS C 91 -16.93 14.58 1.19
C LYS C 91 -16.75 13.15 1.71
N LEU C 92 -16.69 12.16 0.82
CA LEU C 92 -16.60 10.77 1.26
C LEU C 92 -15.28 10.51 1.98
N ARG C 93 -14.19 11.06 1.45
N ARG C 93 -14.19 11.03 1.43
CA ARG C 93 -12.86 10.99 2.07
CA ARG C 93 -12.87 10.98 2.07
C ARG C 93 -12.48 9.54 2.38
C ARG C 93 -12.46 9.55 2.37
N VAL C 94 -12.65 8.69 1.36
CA VAL C 94 -12.20 7.31 1.43
C VAL C 94 -10.67 7.28 1.40
N ASP C 95 -10.07 6.60 2.36
CA ASP C 95 -8.61 6.54 2.33
C ASP C 95 -8.13 5.95 1.01
N PRO C 96 -7.09 6.54 0.39
CA PRO C 96 -6.65 6.06 -0.92
C PRO C 96 -6.30 4.58 -0.98
N VAL C 97 -5.92 3.93 0.13
CA VAL C 97 -5.53 2.52 0.04
C VAL C 97 -6.69 1.63 -0.40
N ASN C 98 -7.93 2.09 -0.19
CA ASN C 98 -9.07 1.25 -0.51
C ASN C 98 -9.34 1.13 -2.01
N PHE C 99 -8.88 2.08 -2.82
CA PHE C 99 -9.16 1.98 -4.25
C PHE C 99 -8.46 0.78 -4.86
N LYS C 100 -7.31 0.40 -4.32
CA LYS C 100 -6.65 -0.82 -4.81
C LYS C 100 -7.45 -2.06 -4.48
N LEU C 101 -8.14 -2.08 -3.33
CA LEU C 101 -8.96 -3.23 -2.96
C LEU C 101 -10.16 -3.38 -3.88
N LEU C 102 -10.87 -2.28 -4.16
CA LEU C 102 -12.00 -2.39 -5.10
C LEU C 102 -11.51 -2.71 -6.51
N SER C 103 -10.38 -2.12 -6.93
CA SER C 103 -9.83 -2.42 -8.25
C SER C 103 -9.57 -3.91 -8.38
N HIS C 104 -8.94 -4.50 -7.37
CA HIS C 104 -8.71 -5.95 -7.38
C HIS C 104 -10.02 -6.71 -7.49
N CYS C 105 -11.03 -6.29 -6.74
CA CYS C 105 -12.28 -7.02 -6.79
C CYS C 105 -13.02 -6.81 -8.11
N LEU C 106 -12.86 -5.64 -8.73
CA LEU C 106 -13.40 -5.46 -10.08
C LEU C 106 -12.70 -6.40 -11.05
N LEU C 107 -11.37 -6.51 -10.95
CA LEU C 107 -10.64 -7.44 -11.81
C LEU C 107 -11.12 -8.87 -11.61
N VAL C 108 -11.28 -9.29 -10.35
CA VAL C 108 -11.77 -10.64 -10.05
C VAL C 108 -13.16 -10.84 -10.65
N THR C 109 -14.03 -9.84 -10.51
CA THR C 109 -15.38 -9.98 -11.04
C THR C 109 -15.34 -10.13 -12.56
N LEU C 110 -14.52 -9.31 -13.22
CA LEU C 110 -14.39 -9.41 -14.67
CA LEU C 110 -14.38 -9.41 -14.67
C LEU C 110 -13.82 -10.77 -15.09
N ALA C 111 -12.81 -11.26 -14.36
CA ALA C 111 -12.24 -12.57 -14.68
C ALA C 111 -13.29 -13.67 -14.58
N ALA C 112 -14.13 -13.61 -13.56
CA ALA C 112 -15.17 -14.61 -13.33
C ALA C 112 -16.30 -14.52 -14.36
N HIS C 113 -16.37 -13.44 -15.14
CA HIS C 113 -17.42 -13.29 -16.14
C HIS C 113 -16.92 -13.23 -17.58
N LEU C 114 -15.61 -13.23 -17.81
CA LEU C 114 -15.04 -13.08 -19.16
C LEU C 114 -14.08 -14.22 -19.46
N PRO C 115 -14.58 -15.45 -19.56
CA PRO C 115 -13.66 -16.58 -19.81
C PRO C 115 -12.83 -16.40 -21.06
N ALA C 116 -13.44 -15.99 -22.18
CA ALA C 116 -12.65 -15.82 -23.40
C ALA C 116 -11.79 -14.55 -23.36
N GLU C 117 -12.34 -13.43 -22.90
CA GLU C 117 -11.67 -12.14 -23.06
C GLU C 117 -10.55 -11.88 -22.07
N PHE C 118 -10.59 -12.48 -20.88
CA PHE C 118 -9.64 -12.13 -19.81
C PHE C 118 -8.29 -12.86 -20.01
N THR C 119 -7.64 -12.54 -21.14
CA THR C 119 -6.30 -13.04 -21.43
C THR C 119 -5.28 -12.39 -20.50
N PRO C 120 -4.05 -12.91 -20.45
CA PRO C 120 -3.01 -12.19 -19.67
C PRO C 120 -2.83 -10.74 -20.11
N ALA C 121 -2.85 -10.48 -21.42
CA ALA C 121 -2.68 -9.11 -21.89
C ALA C 121 -3.84 -8.22 -21.46
N VAL C 122 -5.07 -8.72 -21.56
CA VAL C 122 -6.24 -7.91 -21.19
C VAL C 122 -6.29 -7.71 -19.69
N HIS C 123 -5.94 -8.75 -18.93
CA HIS C 123 -5.75 -8.64 -17.48
C HIS C 123 -4.81 -7.48 -17.15
N ALA C 124 -3.64 -7.42 -17.82
CA ALA C 124 -2.68 -6.38 -17.55
C ALA C 124 -3.25 -5.00 -17.88
N SER C 125 -3.96 -4.89 -19.02
CA SER C 125 -4.53 -3.60 -19.40
C SER C 125 -5.60 -3.16 -18.42
N LEU C 126 -6.46 -4.09 -18.00
CA LEU C 126 -7.52 -3.72 -17.07
C LEU C 126 -6.93 -3.29 -15.74
N ASP C 127 -5.86 -3.96 -15.28
CA ASP C 127 -5.24 -3.56 -14.03
C ASP C 127 -4.68 -2.15 -14.12
N LYS C 128 -4.02 -1.83 -15.24
CA LYS C 128 -3.50 -0.48 -15.45
C LYS C 128 -4.62 0.54 -15.51
N PHE C 129 -5.72 0.19 -16.18
CA PHE C 129 -6.84 1.12 -16.31
C PHE C 129 -7.46 1.43 -14.95
N LEU C 130 -7.70 0.39 -14.14
CA LEU C 130 -8.31 0.64 -12.83
C LEU C 130 -7.36 1.38 -11.89
N ALA C 131 -6.05 1.12 -11.99
CA ALA C 131 -5.10 1.94 -11.26
C ALA C 131 -5.16 3.40 -11.73
N SER C 132 -5.32 3.63 -13.04
CA SER C 132 -5.40 4.99 -13.56
CA SER C 132 -5.42 4.99 -13.56
C SER C 132 -6.68 5.68 -13.07
N VAL C 133 -7.81 4.97 -13.11
CA VAL C 133 -9.04 5.52 -12.55
C VAL C 133 -8.84 5.86 -11.07
N SER C 134 -8.22 4.94 -10.33
CA SER C 134 -7.97 5.19 -8.90
C SER C 134 -7.10 6.42 -8.68
N THR C 135 -6.05 6.57 -9.49
CA THR C 135 -5.20 7.74 -9.40
C THR C 135 -5.98 9.03 -9.65
N VAL C 136 -6.82 9.04 -10.69
CA VAL C 136 -7.65 10.22 -10.95
C VAL C 136 -8.59 10.48 -9.78
N LEU C 137 -9.21 9.43 -9.24
CA LEU C 137 -10.19 9.63 -8.17
C LEU C 137 -9.56 10.13 -6.88
N THR C 138 -8.26 9.93 -6.69
CA THR C 138 -7.59 10.42 -5.48
C THR C 138 -6.77 11.68 -5.73
N SER C 139 -6.83 12.22 -6.95
CA SER C 139 -5.89 13.26 -7.36
C SER C 139 -6.11 14.59 -6.65
N LYS C 140 -7.29 14.81 -6.07
CA LYS C 140 -7.59 16.09 -5.42
C LYS C 140 -7.62 15.98 -3.90
N TYR C 141 -7.09 14.89 -3.33
CA TYR C 141 -7.24 14.65 -1.91
C TYR C 141 -6.45 15.64 -1.08
N ARG C 142 -5.34 16.16 -1.61
CA ARG C 142 -4.53 17.15 -0.91
C ARG C 142 -3.65 17.91 -1.90
N VAL D 2 -7.05 -12.41 11.45
CA VAL D 2 -6.26 -13.63 11.48
C VAL D 2 -7.20 -14.84 11.51
N HIS D 3 -6.72 -15.97 10.97
CA HIS D 3 -7.33 -17.28 11.20
C HIS D 3 -8.59 -17.52 10.36
N LEU D 4 -8.61 -18.64 9.63
CA LEU D 4 -9.78 -19.02 8.85
C LEU D 4 -10.88 -19.59 9.74
N THR D 5 -12.12 -19.36 9.36
CA THR D 5 -13.22 -20.06 9.99
C THR D 5 -13.37 -21.46 9.41
N PRO D 6 -14.05 -22.36 10.12
CA PRO D 6 -14.30 -23.70 9.56
C PRO D 6 -14.99 -23.68 8.20
N GLU D 7 -15.94 -22.77 7.99
CA GLU D 7 -16.57 -22.70 6.67
C GLU D 7 -15.60 -22.20 5.61
N GLU D 8 -14.64 -21.36 5.99
CA GLU D 8 -13.64 -20.90 5.03
C GLU D 8 -12.63 -22.01 4.71
N LYS D 9 -12.15 -22.71 5.74
CA LYS D 9 -11.29 -23.87 5.51
C LYS D 9 -11.96 -24.88 4.59
N SER D 10 -13.24 -25.17 4.85
CA SER D 10 -13.97 -26.10 4.00
C SER D 10 -14.05 -25.60 2.56
N ALA D 11 -14.33 -24.31 2.37
CA ALA D 11 -14.40 -23.74 1.03
C ALA D 11 -13.06 -23.83 0.31
N VAL D 12 -11.97 -23.55 1.03
CA VAL D 12 -10.63 -23.65 0.42
C VAL D 12 -10.36 -25.08 -0.02
N THR D 13 -10.62 -26.04 0.87
CA THR D 13 -10.31 -27.43 0.57
C THR D 13 -11.14 -27.95 -0.60
N ALA D 14 -12.41 -27.57 -0.64
CA ALA D 14 -13.31 -28.01 -1.70
C ALA D 14 -12.85 -27.49 -3.05
N LEU D 15 -12.54 -26.20 -3.15
CA LEU D 15 -12.11 -25.68 -4.44
C LEU D 15 -10.79 -26.30 -4.86
N TRP D 16 -9.88 -26.53 -3.91
CA TRP D 16 -8.54 -26.97 -4.30
C TRP D 16 -8.55 -28.40 -4.82
N GLY D 17 -9.54 -29.20 -4.41
CA GLY D 17 -9.68 -30.54 -4.97
C GLY D 17 -9.86 -30.55 -6.47
N LYS D 18 -10.31 -29.44 -7.06
CA LYS D 18 -10.53 -29.27 -8.50
C LYS D 18 -9.36 -28.64 -9.23
N VAL D 19 -8.35 -28.19 -8.53
CA VAL D 19 -7.28 -27.39 -9.12
C VAL D 19 -6.19 -28.31 -9.65
N ASN D 20 -5.84 -28.15 -10.93
CA ASN D 20 -4.65 -28.79 -11.46
C ASN D 20 -3.48 -27.90 -11.09
N VAL D 21 -2.75 -28.28 -10.05
CA VAL D 21 -1.74 -27.41 -9.47
C VAL D 21 -0.67 -27.06 -10.50
N ASP D 22 -0.24 -28.05 -11.29
CA ASP D 22 0.75 -27.77 -12.33
C ASP D 22 0.26 -26.68 -13.27
N GLU D 23 -0.95 -26.83 -13.80
CA GLU D 23 -1.44 -25.90 -14.80
C GLU D 23 -1.76 -24.55 -14.20
N VAL D 24 -2.43 -24.53 -13.04
CA VAL D 24 -2.71 -23.26 -12.39
C VAL D 24 -1.42 -22.55 -11.98
N GLY D 25 -0.41 -23.32 -11.53
CA GLY D 25 0.85 -22.70 -11.15
C GLY D 25 1.58 -22.06 -12.32
N GLY D 26 1.61 -22.74 -13.46
CA GLY D 26 2.18 -22.14 -14.65
C GLY D 26 1.43 -20.88 -15.07
N GLU D 27 0.10 -20.90 -14.98
CA GLU D 27 -0.70 -19.76 -15.40
C GLU D 27 -0.51 -18.58 -14.45
N ALA D 28 -0.46 -18.85 -13.15
CA ALA D 28 -0.30 -17.77 -12.17
C ALA D 28 1.07 -17.12 -12.27
N LEU D 29 2.14 -17.93 -12.29
CA LEU D 29 3.45 -17.32 -12.43
C LEU D 29 3.57 -16.57 -13.75
N GLY D 30 3.06 -17.15 -14.84
CA GLY D 30 3.12 -16.45 -16.12
C GLY D 30 2.41 -15.11 -16.06
N ARG D 31 1.19 -15.11 -15.50
CA ARG D 31 0.44 -13.85 -15.43
C ARG D 31 1.12 -12.82 -14.53
N LEU D 32 1.75 -13.27 -13.44
CA LEU D 32 2.54 -12.37 -12.60
C LEU D 32 3.57 -11.61 -13.44
N LEU D 33 4.29 -12.34 -14.28
CA LEU D 33 5.36 -11.74 -15.06
C LEU D 33 4.83 -10.87 -16.19
N VAL D 34 3.60 -11.10 -16.65
CA VAL D 34 2.98 -10.24 -17.67
C VAL D 34 2.36 -9.01 -17.03
N VAL D 35 1.58 -9.20 -15.96
CA VAL D 35 0.83 -8.10 -15.38
C VAL D 35 1.75 -7.15 -14.61
N TYR D 36 2.77 -7.69 -13.95
CA TYR D 36 3.70 -6.91 -13.14
C TYR D 36 5.11 -7.22 -13.64
N PRO D 37 5.48 -6.72 -14.83
CA PRO D 37 6.68 -7.25 -15.51
C PRO D 37 7.98 -6.96 -14.79
N TRP D 38 8.00 -6.04 -13.83
CA TRP D 38 9.23 -5.84 -13.06
C TRP D 38 9.59 -7.09 -12.26
N THR D 39 8.63 -7.97 -12.00
CA THR D 39 8.92 -9.25 -11.34
C THR D 39 9.80 -10.16 -12.17
N GLN D 40 9.99 -9.86 -13.46
CA GLN D 40 10.90 -10.66 -14.28
C GLN D 40 12.35 -10.52 -13.82
N ARG D 41 12.65 -9.53 -12.96
CA ARG D 41 13.99 -9.34 -12.43
C ARG D 41 14.53 -10.59 -11.72
N PHE D 42 13.66 -11.48 -11.26
CA PHE D 42 14.10 -12.71 -10.58
C PHE D 42 14.26 -13.90 -11.52
N PHE D 43 14.02 -13.73 -12.81
CA PHE D 43 13.98 -14.85 -13.73
C PHE D 43 14.82 -14.55 -14.96
N GLU D 44 15.98 -13.92 -14.74
CA GLU D 44 16.86 -13.53 -15.84
C GLU D 44 17.32 -14.73 -16.67
N SER D 45 17.48 -15.90 -16.07
CA SER D 45 17.97 -17.07 -16.79
C SER D 45 16.87 -17.88 -17.46
N PHE D 46 15.62 -17.43 -17.39
CA PHE D 46 14.47 -18.23 -17.82
C PHE D 46 14.20 -18.14 -19.32
N GLY D 47 14.98 -17.38 -20.07
CA GLY D 47 14.78 -17.36 -21.51
C GLY D 47 13.79 -16.31 -21.94
N ASP D 48 13.05 -16.59 -23.02
CA ASP D 48 12.24 -15.58 -23.69
C ASP D 48 11.06 -15.16 -22.81
N LEU D 49 11.06 -13.89 -22.39
CA LEU D 49 9.94 -13.27 -21.68
C LEU D 49 9.46 -12.01 -22.39
N SER D 50 9.67 -11.91 -23.70
CA SER D 50 9.58 -10.63 -24.40
C SER D 50 8.16 -10.22 -24.74
N THR D 51 7.22 -11.15 -24.82
CA THR D 51 5.82 -10.89 -25.12
C THR D 51 4.95 -11.73 -24.19
N PRO D 52 3.67 -11.36 -24.03
CA PRO D 52 2.78 -12.22 -23.22
C PRO D 52 2.76 -13.68 -23.66
N ASP D 53 2.63 -13.94 -24.97
CA ASP D 53 2.59 -15.33 -25.44
C ASP D 53 3.89 -16.05 -25.11
N ALA D 54 5.02 -15.34 -25.22
CA ALA D 54 6.30 -15.97 -24.89
C ALA D 54 6.41 -16.29 -23.40
N VAL D 55 5.91 -15.39 -22.53
CA VAL D 55 5.93 -15.68 -21.10
C VAL D 55 5.06 -16.89 -20.78
N MET D 56 3.82 -16.88 -21.26
CA MET D 56 2.89 -17.95 -20.91
C MET D 56 3.34 -19.30 -21.47
N GLY D 57 4.00 -19.31 -22.63
CA GLY D 57 4.45 -20.56 -23.20
C GLY D 57 5.84 -21.00 -22.78
N ASN D 58 6.54 -20.21 -21.99
CA ASN D 58 7.90 -20.50 -21.59
C ASN D 58 7.94 -21.75 -20.71
N PRO D 59 8.63 -22.81 -21.14
CA PRO D 59 8.67 -24.02 -20.30
C PRO D 59 9.29 -23.80 -18.93
N LYS D 60 10.30 -22.92 -18.80
CA LYS D 60 10.88 -22.68 -17.50
C LYS D 60 9.92 -21.92 -16.58
N VAL D 61 9.08 -21.04 -17.14
CA VAL D 61 8.03 -20.40 -16.35
C VAL D 61 7.00 -21.44 -15.91
N LYS D 62 6.60 -22.33 -16.81
CA LYS D 62 5.62 -23.34 -16.44
C LYS D 62 6.17 -24.28 -15.38
N ALA D 63 7.45 -24.67 -15.50
CA ALA D 63 8.03 -25.60 -14.55
C ALA D 63 8.18 -24.96 -13.18
N HIS D 64 8.61 -23.70 -13.14
CA HIS D 64 8.75 -23.06 -11.84
C HIS D 64 7.39 -22.83 -11.20
N GLY D 65 6.40 -22.43 -11.99
CA GLY D 65 5.06 -22.24 -11.46
C GLY D 65 4.52 -23.51 -10.84
N LYS D 66 4.82 -24.64 -11.46
CA LYS D 66 4.45 -25.94 -10.90
C LYS D 66 5.09 -26.16 -9.54
N LYS D 67 6.37 -25.80 -9.39
CA LYS D 67 7.06 -26.00 -8.11
C LYS D 67 6.54 -25.05 -7.05
N VAL D 68 6.34 -23.78 -7.43
CA VAL D 68 5.86 -22.77 -6.49
C VAL D 68 4.47 -23.13 -5.98
N LEU D 69 3.53 -23.40 -6.89
CA LEU D 69 2.19 -23.71 -6.42
C LEU D 69 2.11 -25.09 -5.79
N GLY D 70 3.04 -25.99 -6.12
CA GLY D 70 3.14 -27.24 -5.38
C GLY D 70 3.39 -26.98 -3.90
N ALA D 71 4.36 -26.12 -3.59
CA ALA D 71 4.66 -25.80 -2.19
C ALA D 71 3.50 -25.06 -1.53
N PHE D 72 2.82 -24.20 -2.30
CA PHE D 72 1.59 -23.58 -1.84
C PHE D 72 0.55 -24.64 -1.50
N SER D 73 0.36 -25.59 -2.41
CA SER D 73 -0.61 -26.67 -2.20
C SER D 73 -0.32 -27.42 -0.91
N ASP D 74 0.96 -27.79 -0.71
CA ASP D 74 1.34 -28.52 0.50
C ASP D 74 0.98 -27.72 1.75
N GLY D 75 1.15 -26.40 1.71
CA GLY D 75 0.82 -25.57 2.86
C GLY D 75 -0.66 -25.54 3.19
N LEU D 76 -1.51 -25.88 2.23
CA LEU D 76 -2.96 -25.87 2.49
C LEU D 76 -3.36 -27.00 3.44
N ALA D 77 -2.49 -27.97 3.66
CA ALA D 77 -2.71 -29.01 4.65
C ALA D 77 -2.36 -28.55 6.06
N HIS D 78 -1.87 -27.33 6.22
CA HIS D 78 -1.36 -26.87 7.49
C HIS D 78 -1.78 -25.42 7.72
N LEU D 79 -3.08 -25.15 7.52
CA LEU D 79 -3.55 -23.78 7.53
C LEU D 79 -3.45 -23.13 8.90
N ASP D 80 -3.35 -23.92 9.97
CA ASP D 80 -3.17 -23.38 11.31
C ASP D 80 -1.73 -23.09 11.66
N ASN D 81 -0.78 -23.46 10.79
CA ASN D 81 0.65 -23.35 11.10
C ASN D 81 1.42 -22.91 9.86
N LEU D 82 0.93 -21.85 9.20
CA LEU D 82 1.60 -21.40 7.98
C LEU D 82 2.99 -20.86 8.27
N LYS D 83 3.18 -20.18 9.40
CA LYS D 83 4.50 -19.66 9.73
C LYS D 83 5.52 -20.80 9.82
N GLY D 84 5.21 -21.83 10.60
CA GLY D 84 6.14 -22.95 10.70
C GLY D 84 6.29 -23.70 9.40
N THR D 85 5.19 -23.85 8.64
CA THR D 85 5.24 -24.60 7.39
C THR D 85 6.17 -23.96 6.38
N PHE D 86 6.25 -22.62 6.34
CA PHE D 86 7.01 -21.93 5.31
C PHE D 86 8.30 -21.30 5.85
N ALA D 87 8.69 -21.61 7.09
CA ALA D 87 9.86 -20.96 7.68
C ALA D 87 11.12 -21.21 6.85
N THR D 88 11.31 -22.45 6.41
CA THR D 88 12.52 -22.79 5.66
C THR D 88 12.57 -22.07 4.31
N LEU D 89 11.44 -22.04 3.59
CA LEU D 89 11.39 -21.28 2.34
C LEU D 89 11.46 -19.78 2.58
N SER D 90 10.94 -19.30 3.72
CA SER D 90 11.07 -17.89 4.03
C SER D 90 12.54 -17.47 4.12
N GLU D 91 13.33 -18.22 4.89
CA GLU D 91 14.75 -17.92 4.99
C GLU D 91 15.44 -18.02 3.63
N LEU D 92 15.05 -19.03 2.83
CA LEU D 92 15.63 -19.19 1.50
C LEU D 92 15.36 -17.95 0.64
N HIS D 93 14.12 -17.51 0.61
CA HIS D 93 13.78 -16.39 -0.26
C HIS D 93 14.43 -15.10 0.23
N CYS D 94 14.72 -14.99 1.53
CA CYS D 94 15.39 -13.80 2.02
C CYS D 94 16.90 -13.88 1.81
N ASP D 95 17.53 -14.91 2.36
CA ASP D 95 18.99 -14.96 2.45
C ASP D 95 19.64 -15.33 1.12
N LYS D 96 19.01 -16.21 0.35
CA LYS D 96 19.63 -16.71 -0.87
C LYS D 96 19.06 -16.08 -2.13
N LEU D 97 17.74 -15.86 -2.19
CA LEU D 97 17.12 -15.38 -3.41
C LEU D 97 16.90 -13.88 -3.44
N HIS D 98 16.90 -13.22 -2.27
CA HIS D 98 16.74 -11.76 -2.16
C HIS D 98 15.44 -11.31 -2.84
N VAL D 99 14.34 -11.98 -2.50
CA VAL D 99 13.04 -11.72 -3.11
C VAL D 99 12.24 -10.82 -2.16
N ASP D 100 11.93 -9.61 -2.62
CA ASP D 100 11.09 -8.71 -1.85
C ASP D 100 9.75 -9.38 -1.54
N PRO D 101 9.33 -9.46 -0.28
CA PRO D 101 8.05 -10.17 0.03
C PRO D 101 6.81 -9.55 -0.60
N GLU D 102 6.85 -8.30 -1.06
CA GLU D 102 5.72 -7.78 -1.83
C GLU D 102 5.38 -8.68 -3.01
N ASN D 103 6.37 -9.37 -3.59
CA ASN D 103 6.09 -10.27 -4.70
C ASN D 103 5.13 -11.39 -4.31
N PHE D 104 5.19 -11.84 -3.06
CA PHE D 104 4.28 -12.90 -2.61
C PHE D 104 2.85 -12.40 -2.61
N ARG D 105 2.67 -11.12 -2.27
CA ARG D 105 1.34 -10.52 -2.26
C ARG D 105 0.82 -10.33 -3.68
N LEU D 106 1.67 -9.87 -4.61
CA LEU D 106 1.27 -9.80 -6.02
C LEU D 106 0.90 -11.18 -6.55
N LEU D 107 1.72 -12.20 -6.28
CA LEU D 107 1.37 -13.53 -6.76
C LEU D 107 0.05 -13.99 -6.18
N GLY D 108 -0.19 -13.69 -4.89
CA GLY D 108 -1.46 -14.04 -4.29
C GLY D 108 -2.64 -13.45 -5.03
N ASN D 109 -2.55 -12.17 -5.40
CA ASN D 109 -3.66 -11.55 -6.10
C ASN D 109 -3.81 -12.10 -7.51
N VAL D 110 -2.70 -12.40 -8.18
CA VAL D 110 -2.81 -13.01 -9.51
C VAL D 110 -3.43 -14.41 -9.40
N LEU D 111 -3.03 -15.18 -8.39
CA LEU D 111 -3.63 -16.50 -8.19
C LEU D 111 -5.15 -16.39 -8.00
N VAL D 112 -5.60 -15.44 -7.18
CA VAL D 112 -7.04 -15.24 -7.00
C VAL D 112 -7.71 -14.94 -8.33
N CYS D 113 -7.08 -14.10 -9.16
CA CYS D 113 -7.65 -13.79 -10.48
C CYS D 113 -7.69 -15.03 -11.36
N VAL D 114 -6.66 -15.87 -11.30
CA VAL D 114 -6.63 -17.07 -12.13
C VAL D 114 -7.74 -18.04 -11.72
N LEU D 115 -7.96 -18.18 -10.41
CA LEU D 115 -9.04 -19.03 -9.92
C LEU D 115 -10.39 -18.49 -10.36
N ALA D 116 -10.59 -17.17 -10.27
CA ALA D 116 -11.84 -16.58 -10.76
C ALA D 116 -12.02 -16.84 -12.25
N HIS D 117 -10.95 -16.61 -13.04
CA HIS D 117 -11.04 -16.80 -14.48
C HIS D 117 -11.35 -18.26 -14.81
N HIS D 118 -10.69 -19.19 -14.12
CA HIS D 118 -10.85 -20.60 -14.44
C HIS D 118 -12.21 -21.13 -14.00
N PHE D 119 -12.63 -20.81 -12.77
CA PHE D 119 -13.83 -21.43 -12.20
C PHE D 119 -15.10 -20.63 -12.40
N GLY D 120 -14.98 -19.35 -12.75
CA GLY D 120 -16.17 -18.58 -13.07
C GLY D 120 -17.07 -18.38 -11.88
N LYS D 121 -18.37 -18.61 -12.11
CA LYS D 121 -19.40 -18.37 -11.10
C LYS D 121 -19.14 -19.15 -9.81
N GLU D 122 -18.51 -20.32 -9.89
CA GLU D 122 -18.23 -21.13 -8.71
C GLU D 122 -17.26 -20.44 -7.74
N PHE D 123 -16.45 -19.49 -8.21
CA PHE D 123 -15.55 -18.71 -7.36
C PHE D 123 -16.32 -17.55 -6.76
N THR D 124 -17.23 -17.90 -5.85
CA THR D 124 -18.19 -16.97 -5.28
C THR D 124 -17.47 -15.96 -4.38
N PRO D 125 -18.13 -14.85 -4.04
CA PRO D 125 -17.50 -13.86 -3.14
C PRO D 125 -17.08 -14.49 -1.82
N PRO D 126 -17.88 -15.38 -1.21
CA PRO D 126 -17.37 -16.06 0.01
C PRO D 126 -16.15 -16.93 -0.23
N VAL D 127 -16.11 -17.65 -1.35
CA VAL D 127 -14.93 -18.48 -1.64
C VAL D 127 -13.72 -17.58 -1.86
N GLN D 128 -13.89 -16.49 -2.59
CA GLN D 128 -12.77 -15.55 -2.76
C GLN D 128 -12.27 -15.06 -1.41
N ALA D 129 -13.17 -14.65 -0.53
CA ALA D 129 -12.76 -14.12 0.76
C ALA D 129 -11.91 -15.13 1.52
N ALA D 130 -12.27 -16.41 1.44
CA ALA D 130 -11.47 -17.46 2.08
C ALA D 130 -10.08 -17.54 1.45
N TYR D 131 -10.02 -17.52 0.12
CA TYR D 131 -8.73 -17.56 -0.54
C TYR D 131 -7.92 -16.30 -0.29
N GLN D 132 -8.56 -15.14 -0.13
CA GLN D 132 -7.80 -13.94 0.20
C GLN D 132 -7.10 -14.09 1.55
N LYS D 133 -7.78 -14.66 2.53
CA LYS D 133 -7.14 -14.91 3.81
C LYS D 133 -5.98 -15.89 3.64
N VAL D 134 -6.15 -16.92 2.83
CA VAL D 134 -5.08 -17.90 2.62
C VAL D 134 -3.87 -17.25 1.96
N VAL D 135 -4.08 -16.51 0.87
CA VAL D 135 -2.90 -15.98 0.16
C VAL D 135 -2.22 -14.92 1.01
N ALA D 136 -2.98 -14.14 1.80
CA ALA D 136 -2.36 -13.22 2.74
C ALA D 136 -1.57 -13.98 3.78
N GLY D 137 -2.12 -15.10 4.27
CA GLY D 137 -1.44 -15.87 5.29
C GLY D 137 -0.16 -16.52 4.78
N VAL D 138 -0.19 -17.06 3.57
CA VAL D 138 1.02 -17.63 2.98
C VAL D 138 2.06 -16.54 2.75
N ALA D 139 1.63 -15.38 2.23
CA ALA D 139 2.59 -14.30 2.03
C ALA D 139 3.21 -13.84 3.34
N ASN D 140 2.39 -13.72 4.40
CA ASN D 140 2.94 -13.33 5.68
C ASN D 140 3.91 -14.37 6.22
N ALA D 141 3.60 -15.65 6.02
CA ALA D 141 4.48 -16.71 6.49
C ALA D 141 5.80 -16.71 5.74
N LEU D 142 5.75 -16.53 4.41
CA LEU D 142 6.98 -16.46 3.63
C LEU D 142 7.80 -15.21 3.94
N ALA D 143 7.19 -14.15 4.44
CA ALA D 143 7.90 -12.94 4.81
C ALA D 143 8.47 -12.99 6.22
N HIS D 144 8.09 -13.98 7.01
CA HIS D 144 8.23 -13.87 8.47
C HIS D 144 9.68 -14.01 8.91
N LYS D 145 10.51 -14.76 8.18
CA LYS D 145 11.91 -14.95 8.55
C LYS D 145 12.84 -13.94 7.88
N TYR D 146 12.29 -12.89 7.26
CA TYR D 146 13.14 -11.85 6.69
C TYR D 146 13.77 -11.02 7.80
N HIS D 147 14.97 -10.53 7.53
CA HIS D 147 15.74 -9.78 8.52
C HIS D 147 16.70 -8.88 7.78
#